data_4BJI
#
_entry.id   4BJI
#
_cell.length_a   35.380
_cell.length_b   67.640
_cell.length_c   88.060
_cell.angle_alpha   90.00
_cell.angle_beta   90.00
_cell.angle_gamma   90.00
#
_symmetry.space_group_name_H-M   'P 21 21 21'
#
loop_
_entity.id
_entity.type
_entity.pdbx_description
1 polymer 'TRANSCRIPTION FACTOR TAU SUBUNIT SFC1'
2 water water
#
_entity_poly.entity_id   1
_entity_poly.type   'polypeptide(L)'
_entity_poly.pdbx_seq_one_letter_code
;GA(MSE)GKGQCRVWIITTN(MSE)GVESVPTCRHSKLGEPSKTIQEVIEALKPLFEKRPVWTRRALLNHLDPSYTHYLK
FALPYLSYLWTSGPFRDTYTRFGYDPRKDSNAAAYQALFFKLKLNGKHKGTKTHVFDGKTLFPTNRVYQVCDIVDPTIAP
LLKDTQLRSECHRDTGWYRSGRYYKVRDL(MSE)REKLFALIEGE(MSE)PSEVAVN(MSE)ILNAEEVEESDRY
;
_entity_poly.pdbx_strand_id   A
#
# COMPACT_ATOMS: atom_id res chain seq x y z
N ARG A 9 14.30 19.61 -6.59
CA ARG A 9 13.33 19.40 -5.53
C ARG A 9 11.92 19.29 -6.08
N VAL A 10 11.15 18.33 -5.59
CA VAL A 10 9.76 18.24 -6.03
C VAL A 10 8.80 18.92 -5.03
N TRP A 11 9.29 19.26 -3.84
CA TRP A 11 8.47 19.97 -2.85
C TRP A 11 7.26 19.11 -2.37
N ILE A 12 7.52 17.82 -2.20
CA ILE A 12 6.56 16.92 -1.56
C ILE A 12 6.58 17.17 -0.04
N ILE A 13 5.39 17.27 0.53
CA ILE A 13 5.23 17.33 1.98
C ILE A 13 5.08 15.94 2.53
N THR A 14 5.93 15.61 3.50
CA THR A 14 5.90 14.30 4.12
C THR A 14 5.27 14.35 5.51
N THR A 15 4.63 13.24 5.88
N THR A 15 4.68 13.23 5.90
CA THR A 15 3.96 13.07 7.17
CA THR A 15 4.09 13.13 7.21
C THR A 15 4.35 11.74 7.83
C THR A 15 4.26 11.75 7.83
N ASN A 16 4.19 11.73 9.15
CA ASN A 16 4.14 10.48 9.90
C ASN A 16 2.88 10.45 10.77
N MSE A 17 2.68 9.34 11.46
CA MSE A 17 1.44 9.11 12.20
C MSE A 17 1.22 10.07 13.35
O MSE A 17 0.10 10.18 13.86
CB MSE A 17 1.40 7.69 12.74
CG MSE A 17 1.15 6.66 11.61
SE MSE A 17 -0.67 6.72 10.91
CE MSE A 17 -1.55 5.99 12.45
H MSE A 17 3.26 8.70 11.53
HA MSE A 17 0.70 9.21 11.57
HB2 MSE A 17 2.24 7.47 13.15
HB3 MSE A 17 0.67 7.61 13.38
HG2 MSE A 17 1.75 6.84 10.88
HG3 MSE A 17 1.31 5.77 11.97
HE1 MSE A 17 -1.37 6.55 13.20
HE2 MSE A 17 -2.49 5.93 12.28
HE3 MSE A 17 -1.19 5.11 12.62
N GLY A 18 2.27 10.75 13.77
CA GLY A 18 2.15 11.73 14.84
C GLY A 18 1.70 13.11 14.43
N VAL A 19 1.53 13.36 13.14
CA VAL A 19 1.22 14.73 12.66
C VAL A 19 -0.15 15.16 13.18
N GLU A 20 -0.27 16.40 13.65
CA GLU A 20 -1.55 16.83 14.22
C GLU A 20 -2.67 16.87 13.17
N SER A 21 -2.41 17.55 12.08
CA SER A 21 -3.38 17.64 11.00
CA SER A 21 -3.37 17.70 10.99
C SER A 21 -2.65 17.37 9.69
N VAL A 22 -3.30 16.62 8.81
CA VAL A 22 -2.69 16.33 7.51
C VAL A 22 -2.69 17.57 6.60
N PRO A 23 -1.75 17.60 5.65
CA PRO A 23 -1.67 18.72 4.72
C PRO A 23 -2.97 18.93 3.93
N THR A 24 -3.37 20.20 3.74
CA THR A 24 -4.60 20.54 3.02
C THR A 24 -4.34 21.27 1.68
N CYS A 25 -3.09 21.65 1.45
CA CYS A 25 -2.71 22.31 0.20
C CYS A 25 -1.23 22.08 -0.11
N ARG A 26 -0.83 22.41 -1.34
CA ARG A 26 0.53 22.17 -1.78
C ARG A 26 1.58 23.08 -1.11
N HIS A 27 2.82 22.67 -1.19
CA HIS A 27 3.95 23.40 -0.64
C HIS A 27 3.99 24.83 -1.22
N SER A 28 4.22 25.82 -0.36
CA SER A 28 4.14 27.21 -0.77
C SER A 28 5.19 27.55 -1.82
N LYS A 29 6.26 26.78 -1.81
CA LYS A 29 7.34 27.01 -2.78
C LYS A 29 7.02 26.58 -4.21
N LEU A 30 5.98 25.74 -4.38
CA LEU A 30 5.57 25.34 -5.72
C LEU A 30 4.92 26.49 -6.51
N GLY A 31 5.37 26.68 -7.75
CA GLY A 31 4.75 27.62 -8.66
C GLY A 31 3.88 26.89 -9.67
N GLU A 32 3.47 27.57 -10.74
CA GLU A 32 2.67 26.92 -11.77
C GLU A 32 3.53 25.96 -12.58
N PRO A 33 3.01 24.75 -12.83
CA PRO A 33 3.76 23.73 -13.56
C PRO A 33 3.68 23.95 -15.05
N SER A 34 4.65 23.39 -15.75
CA SER A 34 4.64 23.33 -17.19
C SER A 34 3.35 22.66 -17.66
N LYS A 35 3.03 22.89 -18.92
CA LYS A 35 1.96 22.16 -19.55
C LYS A 35 2.25 20.67 -19.49
N THR A 36 3.55 20.30 -19.59
CA THR A 36 3.90 18.88 -19.63
C THR A 36 3.48 18.22 -18.30
N ILE A 37 3.74 18.90 -17.19
CA ILE A 37 3.37 18.35 -15.88
C ILE A 37 1.88 18.51 -15.62
N GLN A 38 1.27 19.59 -16.08
CA GLN A 38 -0.19 19.78 -15.96
C GLN A 38 -0.94 18.59 -16.56
N GLU A 39 -0.48 18.05 -17.68
CA GLU A 39 -1.12 16.87 -18.28
CA GLU A 39 -1.13 16.87 -18.27
C GLU A 39 -1.14 15.72 -17.28
N VAL A 40 -0.05 15.54 -16.54
CA VAL A 40 0.01 14.45 -15.56
C VAL A 40 -0.90 14.74 -14.39
N ILE A 41 -0.94 15.98 -13.94
CA ILE A 41 -1.84 16.40 -12.87
C ILE A 41 -3.28 16.13 -13.26
N GLU A 42 -3.68 16.44 -14.49
CA GLU A 42 -5.04 16.19 -14.93
C GLU A 42 -5.39 14.71 -14.97
N ALA A 43 -4.43 13.84 -15.31
CA ALA A 43 -4.64 12.41 -15.29
C ALA A 43 -4.76 11.88 -13.86
N LEU A 44 -4.03 12.48 -12.92
CA LEU A 44 -4.06 12.05 -11.52
C LEU A 44 -5.34 12.42 -10.81
N LYS A 45 -5.96 13.53 -11.17
CA LYS A 45 -7.12 14.00 -10.43
C LYS A 45 -8.23 12.94 -10.29
N PRO A 46 -8.67 12.32 -11.40
CA PRO A 46 -9.73 11.31 -11.25
C PRO A 46 -9.25 10.08 -10.50
N LEU A 47 -7.96 9.75 -10.60
CA LEU A 47 -7.46 8.60 -9.85
C LEU A 47 -7.57 8.86 -8.34
N PHE A 48 -7.29 10.08 -7.90
CA PHE A 48 -7.43 10.42 -6.50
C PHE A 48 -8.88 10.55 -6.06
N GLU A 49 -9.80 10.85 -6.99
CA GLU A 49 -11.23 10.77 -6.65
C GLU A 49 -11.62 9.32 -6.45
N LYS A 50 -11.12 8.42 -7.27
CA LYS A 50 -11.47 6.99 -7.17
C LYS A 50 -10.90 6.36 -5.88
N ARG A 51 -9.70 6.75 -5.52
CA ARG A 51 -8.94 6.12 -4.46
C ARG A 51 -8.06 7.20 -3.85
N PRO A 52 -8.28 7.55 -2.57
CA PRO A 52 -7.57 8.72 -2.05
C PRO A 52 -6.12 8.48 -1.65
N VAL A 53 -5.69 7.23 -1.62
CA VAL A 53 -4.37 6.83 -1.13
C VAL A 53 -3.77 5.83 -2.11
N TRP A 54 -2.58 6.12 -2.62
CA TRP A 54 -1.95 5.31 -3.65
C TRP A 54 -0.45 5.17 -3.45
N THR A 55 0.13 4.00 -3.73
CA THR A 55 1.57 3.95 -3.94
C THR A 55 1.91 4.52 -5.33
N ARG A 56 3.17 4.96 -5.49
CA ARG A 56 3.70 5.29 -6.81
C ARG A 56 3.51 4.16 -7.82
N ARG A 57 3.85 2.94 -7.43
CA ARG A 57 3.74 1.81 -8.36
C ARG A 57 2.31 1.60 -8.85
N ALA A 58 1.35 1.62 -7.93
CA ALA A 58 -0.05 1.44 -8.33
C ALA A 58 -0.50 2.54 -9.28
N LEU A 59 -0.12 3.80 -9.02
CA LEU A 59 -0.45 4.88 -9.95
C LEU A 59 0.19 4.70 -11.32
N LEU A 60 1.47 4.34 -11.33
CA LEU A 60 2.15 4.20 -12.62
C LEU A 60 1.39 3.19 -13.47
N ASN A 61 0.90 2.11 -12.85
CA ASN A 61 0.22 1.06 -13.60
C ASN A 61 -1.17 1.46 -14.10
N HIS A 62 -1.62 2.63 -13.68
CA HIS A 62 -2.87 3.20 -14.17
C HIS A 62 -2.64 4.42 -15.06
N LEU A 63 -1.39 4.76 -15.33
CA LEU A 63 -1.05 5.95 -16.10
C LEU A 63 -0.34 5.64 -17.41
N ASP A 64 -0.48 6.53 -18.38
CA ASP A 64 0.31 6.46 -19.59
C ASP A 64 1.78 6.26 -19.20
N PRO A 65 2.45 5.26 -19.80
CA PRO A 65 3.86 5.04 -19.41
C PRO A 65 4.83 6.19 -19.72
N SER A 66 4.42 7.15 -20.53
CA SER A 66 5.27 8.32 -20.77
C SER A 66 5.33 9.26 -19.54
N TYR A 67 4.47 9.01 -18.55
CA TYR A 67 4.42 9.84 -17.34
C TYR A 67 5.34 9.32 -16.24
N THR A 68 6.03 8.21 -16.49
CA THR A 68 6.85 7.54 -15.45
C THR A 68 7.69 8.48 -14.57
N HIS A 69 8.53 9.30 -15.20
CA HIS A 69 9.41 10.17 -14.42
C HIS A 69 8.96 11.62 -14.39
N TYR A 70 7.75 11.90 -14.86
CA TYR A 70 7.10 13.17 -14.51
C TYR A 70 6.20 13.03 -13.28
N LEU A 71 5.81 11.80 -12.95
CA LEU A 71 4.87 11.55 -11.86
C LEU A 71 5.37 12.19 -10.55
N LYS A 72 6.67 12.10 -10.27
CA LYS A 72 7.16 12.61 -9.00
C LYS A 72 7.05 14.14 -8.86
N PHE A 73 7.01 14.83 -9.99
CA PHE A 73 6.84 16.27 -9.99
C PHE A 73 5.37 16.70 -9.91
N ALA A 74 4.47 15.84 -10.38
CA ALA A 74 3.03 16.12 -10.41
C ALA A 74 2.36 15.82 -9.05
N LEU A 75 2.80 14.75 -8.39
CA LEU A 75 2.14 14.31 -7.14
C LEU A 75 2.06 15.42 -6.08
N PRO A 76 3.12 16.24 -5.93
CA PRO A 76 3.08 17.26 -4.88
C PRO A 76 2.04 18.35 -5.08
N TYR A 77 1.46 18.40 -6.28
CA TYR A 77 0.39 19.35 -6.53
C TYR A 77 -0.97 18.90 -6.02
N LEU A 78 -1.08 17.61 -5.66
CA LEU A 78 -2.35 17.02 -5.27
C LEU A 78 -2.33 16.22 -3.98
N SER A 79 -1.16 15.87 -3.48
CA SER A 79 -1.04 14.86 -2.45
C SER A 79 0.16 15.09 -1.56
N TYR A 80 0.16 14.45 -0.40
CA TYR A 80 1.29 14.41 0.53
C TYR A 80 1.72 12.94 0.71
N LEU A 81 2.89 12.70 1.27
CA LEU A 81 3.50 11.38 1.29
C LEU A 81 3.79 10.91 2.71
N TRP A 82 3.29 9.75 3.09
CA TRP A 82 3.64 9.16 4.38
C TRP A 82 5.02 8.54 4.34
N THR A 83 5.87 8.82 5.33
CA THR A 83 7.19 8.17 5.28
C THR A 83 7.36 7.05 6.28
N SER A 84 6.32 6.74 7.05
CA SER A 84 6.34 5.61 7.97
C SER A 84 4.89 5.33 8.36
N GLY A 85 4.69 4.24 9.11
CA GLY A 85 3.37 3.88 9.59
C GLY A 85 2.59 3.01 8.61
N PRO A 86 1.32 2.79 8.89
CA PRO A 86 0.51 1.84 8.11
C PRO A 86 0.20 2.33 6.71
N PHE A 87 0.43 3.62 6.42
CA PHE A 87 0.28 4.19 5.08
C PHE A 87 1.63 4.56 4.46
N ARG A 88 2.72 4.03 5.00
CA ARG A 88 4.08 4.30 4.48
C ARG A 88 4.13 4.13 2.97
N ASP A 89 4.78 5.07 2.34
CA ASP A 89 5.06 5.02 0.90
C ASP A 89 3.79 5.15 0.05
N THR A 90 2.73 5.75 0.63
CA THR A 90 1.57 6.14 -0.13
C THR A 90 1.43 7.64 -0.20
N TYR A 91 0.93 8.10 -1.33
CA TYR A 91 0.53 9.49 -1.58
C TYR A 91 -0.95 9.60 -1.31
N THR A 92 -1.33 10.53 -0.44
CA THR A 92 -2.72 10.74 -0.02
C THR A 92 -3.19 12.11 -0.48
N ARG A 93 -4.39 12.18 -1.03
CA ARG A 93 -4.93 13.43 -1.51
CA ARG A 93 -4.88 13.45 -1.53
C ARG A 93 -5.02 14.44 -0.37
N PHE A 94 -4.75 15.71 -0.66
CA PHE A 94 -4.80 16.75 0.37
C PHE A 94 -6.15 16.72 1.08
N GLY A 95 -6.07 16.89 2.40
CA GLY A 95 -7.25 17.01 3.24
C GLY A 95 -7.86 15.70 3.69
N TYR A 96 -7.45 14.57 3.10
CA TYR A 96 -8.00 13.28 3.49
C TYR A 96 -7.07 12.70 4.57
N ASP A 97 -7.63 12.38 5.75
CA ASP A 97 -6.87 11.80 6.86
C ASP A 97 -7.31 10.36 7.06
N PRO A 98 -6.50 9.40 6.59
CA PRO A 98 -6.89 7.99 6.68
C PRO A 98 -6.89 7.48 8.10
N ARG A 99 -6.35 8.26 9.04
CA ARG A 99 -6.39 7.84 10.43
C ARG A 99 -7.76 8.12 11.03
N LYS A 100 -8.59 8.90 10.34
CA LYS A 100 -9.91 9.26 10.85
C LYS A 100 -11.05 8.51 10.19
N ASP A 101 -10.75 7.68 9.20
CA ASP A 101 -11.76 7.02 8.41
C ASP A 101 -11.39 5.53 8.32
N SER A 102 -12.15 4.68 9.01
CA SER A 102 -11.81 3.26 9.00
C SER A 102 -11.95 2.62 7.61
N ASN A 103 -12.65 3.27 6.69
CA ASN A 103 -12.65 2.74 5.32
C ASN A 103 -11.25 2.73 4.72
N ALA A 104 -10.33 3.55 5.27
CA ALA A 104 -8.97 3.57 4.78
C ALA A 104 -8.16 2.33 5.14
N ALA A 105 -8.72 1.41 5.93
CA ALA A 105 -8.11 0.11 6.10
C ALA A 105 -7.82 -0.54 4.75
N ALA A 106 -8.65 -0.27 3.76
CA ALA A 106 -8.46 -0.86 2.43
C ALA A 106 -7.22 -0.32 1.69
N TYR A 107 -6.66 0.81 2.15
CA TYR A 107 -5.57 1.47 1.46
C TYR A 107 -4.25 1.33 2.21
N GLN A 108 -4.24 0.63 3.35
CA GLN A 108 -2.99 0.43 4.08
C GLN A 108 -1.96 -0.28 3.22
N ALA A 109 -0.70 0.07 3.44
CA ALA A 109 0.45 -0.46 2.73
C ALA A 109 1.28 -1.37 3.60
N LEU A 110 1.65 -2.52 3.03
CA LEU A 110 2.56 -3.44 3.70
C LEU A 110 3.85 -3.50 2.90
N PHE A 111 4.96 -3.18 3.57
CA PHE A 111 6.29 -3.13 2.96
C PHE A 111 7.03 -4.40 3.35
N PHE A 112 7.78 -4.95 2.41
CA PHE A 112 8.54 -6.15 2.63
C PHE A 112 10.00 -5.91 2.31
N LYS A 113 10.85 -6.24 3.27
CA LYS A 113 12.28 -6.04 3.09
C LYS A 113 12.89 -7.32 2.59
N LEU A 114 12.79 -7.53 1.30
CA LEU A 114 13.33 -8.74 0.69
C LEU A 114 14.19 -8.37 -0.51
N LYS A 115 14.96 -9.34 -0.97
CA LYS A 115 15.97 -9.10 -2.00
C LYS A 115 15.37 -9.21 -3.40
N GLY A 122 11.18 -9.14 -14.29
CA GLY A 122 10.05 -9.50 -13.45
C GLY A 122 8.86 -8.59 -13.68
N THR A 123 7.72 -8.94 -13.10
CA THR A 123 6.50 -8.14 -13.27
C THR A 123 6.54 -6.90 -12.39
N LYS A 124 5.98 -5.81 -12.91
CA LYS A 124 5.95 -4.53 -12.22
C LYS A 124 4.61 -4.35 -11.53
N THR A 125 3.80 -5.39 -11.47
CA THR A 125 2.45 -5.23 -10.97
C THR A 125 2.43 -4.79 -9.48
N HIS A 126 1.41 -4.00 -9.18
CA HIS A 126 1.08 -3.61 -7.81
C HIS A 126 0.14 -4.62 -7.13
N VAL A 127 -0.33 -5.61 -7.89
CA VAL A 127 -1.29 -6.60 -7.37
C VAL A 127 -0.54 -7.73 -6.71
N PHE A 128 -1.08 -8.20 -5.58
CA PHE A 128 -0.56 -9.37 -4.89
C PHE A 128 -1.51 -10.52 -5.14
N ASP A 129 -1.11 -11.46 -6.01
CA ASP A 129 -1.97 -12.61 -6.36
C ASP A 129 -1.48 -13.93 -5.77
N GLY A 130 -0.30 -13.92 -5.17
CA GLY A 130 0.25 -15.14 -4.58
C GLY A 130 0.85 -16.10 -5.55
N LYS A 131 0.90 -15.77 -6.83
CA LYS A 131 1.35 -16.74 -7.81
C LYS A 131 2.18 -16.21 -8.95
N THR A 132 2.12 -14.93 -9.22
CA THR A 132 2.94 -14.41 -10.32
C THR A 132 4.43 -14.33 -9.89
N LEU A 133 5.32 -14.96 -10.67
CA LEU A 133 6.73 -15.07 -10.30
C LEU A 133 7.51 -13.76 -10.47
N PHE A 134 8.60 -13.64 -9.72
CA PHE A 134 9.53 -12.54 -9.87
C PHE A 134 8.90 -11.15 -9.74
N PRO A 135 8.07 -10.97 -8.72
CA PRO A 135 7.56 -9.62 -8.52
C PRO A 135 8.68 -8.67 -8.13
N THR A 136 8.64 -7.45 -8.65
CA THR A 136 9.63 -6.44 -8.31
C THR A 136 9.10 -5.45 -7.26
N ASN A 137 7.79 -5.44 -7.03
CA ASN A 137 7.20 -4.53 -6.07
C ASN A 137 7.44 -5.00 -4.65
N ARG A 138 7.68 -4.06 -3.74
CA ARG A 138 7.86 -4.45 -2.35
C ARG A 138 6.90 -3.77 -1.40
N VAL A 139 6.01 -2.93 -1.93
CA VAL A 139 4.98 -2.29 -1.10
C VAL A 139 3.62 -2.57 -1.72
N TYR A 140 2.75 -3.25 -0.99
CA TYR A 140 1.43 -3.65 -1.50
C TYR A 140 0.36 -3.00 -0.66
N GLN A 141 -0.63 -2.46 -1.33
CA GLN A 141 -1.82 -1.95 -0.64
C GLN A 141 -2.88 -3.03 -0.49
N VAL A 142 -3.62 -2.99 0.60
CA VAL A 142 -4.61 -4.03 0.88
C VAL A 142 -5.62 -4.25 -0.25
N CYS A 143 -6.13 -3.18 -0.81
CA CYS A 143 -7.12 -3.26 -1.88
C CYS A 143 -6.60 -3.95 -3.13
N ASP A 144 -5.27 -4.07 -3.25
CA ASP A 144 -4.64 -4.69 -4.41
C ASP A 144 -4.23 -6.15 -4.11
N ILE A 145 -4.63 -6.68 -2.95
CA ILE A 145 -4.36 -8.07 -2.60
C ILE A 145 -5.54 -8.90 -3.10
N VAL A 146 -5.32 -9.64 -4.19
CA VAL A 146 -6.40 -10.45 -4.75
C VAL A 146 -6.26 -11.93 -4.40
N ASP A 147 -5.09 -12.32 -3.88
CA ASP A 147 -4.84 -13.71 -3.47
C ASP A 147 -6.02 -14.20 -2.63
N PRO A 148 -6.73 -15.25 -3.08
CA PRO A 148 -7.99 -15.64 -2.43
C PRO A 148 -7.80 -16.33 -1.08
N THR A 149 -6.57 -16.68 -0.74
CA THR A 149 -6.29 -17.23 0.58
C THR A 149 -5.94 -16.14 1.57
N ILE A 150 -5.51 -14.96 1.12
CA ILE A 150 -5.12 -13.87 2.01
C ILE A 150 -6.20 -12.80 2.13
N ALA A 151 -6.81 -12.43 1.01
CA ALA A 151 -7.76 -11.35 1.04
C ALA A 151 -8.88 -11.51 2.08
N PRO A 152 -9.46 -12.72 2.24
CA PRO A 152 -10.53 -12.85 3.24
C PRO A 152 -10.08 -12.54 4.66
N LEU A 153 -8.79 -12.75 4.95
CA LEU A 153 -8.28 -12.45 6.28
C LEU A 153 -8.44 -10.97 6.65
N LEU A 154 -8.25 -10.10 5.66
CA LEU A 154 -8.44 -8.68 5.95
CA LEU A 154 -8.38 -8.65 5.74
C LEU A 154 -9.85 -8.21 5.62
N LYS A 155 -10.58 -8.85 4.72
CA LYS A 155 -11.96 -8.44 4.48
C LYS A 155 -12.87 -8.71 5.70
N ASP A 156 -12.65 -9.81 6.39
CA ASP A 156 -13.61 -10.26 7.39
C ASP A 156 -13.29 -9.75 8.78
N THR A 157 -12.09 -9.20 8.99
CA THR A 157 -11.67 -8.92 10.35
C THR A 157 -12.31 -7.67 10.93
N GLN A 158 -12.63 -7.72 12.21
CA GLN A 158 -13.20 -6.56 12.87
C GLN A 158 -12.14 -5.50 13.08
N LEU A 159 -12.37 -4.33 12.50
CA LEU A 159 -11.37 -3.26 12.63
C LEU A 159 -11.29 -2.75 14.05
N ARG A 160 -10.10 -2.29 14.41
CA ARG A 160 -9.90 -1.57 15.68
C ARG A 160 -10.71 -0.31 15.73
N SER A 161 -10.87 0.20 16.95
CA SER A 161 -11.56 1.47 17.18
C SER A 161 -10.68 2.70 17.00
N GLU A 162 -9.41 2.51 16.68
CA GLU A 162 -8.49 3.61 16.44
C GLU A 162 -7.41 3.10 15.50
N CYS A 163 -6.82 4.00 14.72
CA CYS A 163 -5.76 3.66 13.77
C CYS A 163 -4.42 3.59 14.50
N HIS A 164 -3.91 2.37 14.64
CA HIS A 164 -2.68 2.10 15.35
C HIS A 164 -1.44 2.56 14.60
N ARG A 165 -0.43 3.02 15.33
CA ARG A 165 0.77 3.59 14.74
CA ARG A 165 0.73 3.61 14.69
C ARG A 165 1.52 2.65 13.81
N ASP A 166 1.39 1.35 14.03
CA ASP A 166 2.04 0.32 13.19
C ASP A 166 1.03 -0.45 12.33
N THR A 167 -0.05 -0.96 12.94
CA THR A 167 -0.93 -1.88 12.24
C THR A 167 -2.20 -1.19 11.70
N GLY A 168 -2.31 0.11 11.92
CA GLY A 168 -3.46 0.85 11.43
C GLY A 168 -4.76 0.31 11.99
N TRP A 169 -5.72 0.04 11.12
CA TRP A 169 -7.05 -0.35 11.55
C TRP A 169 -7.17 -1.85 11.86
N TYR A 170 -6.07 -2.60 11.73
CA TYR A 170 -6.11 -4.05 11.89
C TYR A 170 -5.58 -4.48 13.25
N ARG A 171 -6.29 -5.40 13.88
CA ARG A 171 -5.84 -6.03 15.12
C ARG A 171 -4.46 -6.66 14.90
N SER A 172 -3.57 -6.50 15.86
CA SER A 172 -2.18 -6.91 15.67
CA SER A 172 -2.19 -6.94 15.75
C SER A 172 -2.02 -8.37 15.25
N GLY A 173 -2.69 -9.31 15.89
CA GLY A 173 -2.43 -10.70 15.53
C GLY A 173 -2.88 -11.04 14.13
N ARG A 174 -3.95 -10.40 13.69
CA ARG A 174 -4.45 -10.62 12.33
C ARG A 174 -3.51 -9.96 11.31
N TYR A 175 -3.10 -8.72 11.60
CA TYR A 175 -2.16 -8.02 10.73
C TYR A 175 -0.87 -8.77 10.50
N TYR A 176 -0.29 -9.28 11.55
CA TYR A 176 1.02 -9.95 11.42
C TYR A 176 0.87 -11.36 10.85
N LYS A 177 -0.28 -12.00 11.02
CA LYS A 177 -0.54 -13.26 10.28
C LYS A 177 -0.56 -12.98 8.79
N VAL A 178 -1.27 -11.94 8.35
CA VAL A 178 -1.32 -11.57 6.94
C VAL A 178 0.08 -11.22 6.43
N ARG A 179 0.83 -10.43 7.19
CA ARG A 179 2.18 -10.06 6.77
CA ARG A 179 2.20 -10.10 6.81
C ARG A 179 3.06 -11.32 6.62
N ASP A 180 2.99 -12.23 7.58
CA ASP A 180 3.79 -13.45 7.50
C ASP A 180 3.41 -14.29 6.30
N LEU A 181 2.13 -14.41 6.00
CA LEU A 181 1.70 -15.17 4.83
CA LEU A 181 1.70 -15.20 4.85
C LEU A 181 2.25 -14.56 3.56
N MSE A 182 2.09 -13.25 3.42
CA MSE A 182 2.60 -12.55 2.23
C MSE A 182 4.12 -12.70 2.11
O MSE A 182 4.65 -12.96 1.01
CB MSE A 182 2.21 -11.07 2.30
CG MSE A 182 0.67 -10.89 2.19
SE MSE A 182 0.10 -9.08 2.43
CE MSE A 182 0.79 -8.38 0.80
H MSE A 182 1.70 -12.74 3.98
HA MSE A 182 2.17 -12.94 1.44
HB2 MSE A 182 2.49 -10.69 3.14
HB3 MSE A 182 2.61 -10.60 1.55
HG2 MSE A 182 0.38 -11.18 1.32
HG3 MSE A 182 0.25 -11.43 2.88
HE1 MSE A 182 1.74 -8.50 0.78
HE2 MSE A 182 0.38 -8.84 0.06
HE3 MSE A 182 0.59 -7.44 0.75
N ARG A 183 4.83 -12.54 3.21
CA ARG A 183 6.30 -12.61 3.19
C ARG A 183 6.73 -13.99 2.72
N GLU A 184 6.11 -15.03 3.28
CA GLU A 184 6.46 -16.40 2.91
C GLU A 184 6.22 -16.63 1.43
N LYS A 185 5.08 -16.17 0.91
CA LYS A 185 4.80 -16.37 -0.51
C LYS A 185 5.84 -15.59 -1.35
N LEU A 186 6.14 -14.35 -0.96
CA LEU A 186 7.16 -13.61 -1.70
C LEU A 186 8.53 -14.31 -1.72
N PHE A 187 8.93 -14.91 -0.61
CA PHE A 187 10.24 -15.59 -0.55
C PHE A 187 10.36 -16.50 -1.76
N ALA A 188 9.27 -17.20 -2.03
CA ALA A 188 9.24 -18.21 -3.07
C ALA A 188 9.12 -17.59 -4.44
N LEU A 189 8.17 -16.69 -4.59
CA LEU A 189 7.90 -16.06 -5.88
C LEU A 189 9.16 -15.35 -6.43
N ILE A 190 9.91 -14.68 -5.55
CA ILE A 190 11.09 -13.95 -6.03
C ILE A 190 12.19 -14.93 -6.47
N GLU A 191 12.14 -16.18 -5.98
CA GLU A 191 13.09 -17.23 -6.40
C GLU A 191 12.62 -18.01 -7.63
N GLY A 192 11.45 -17.66 -8.17
CA GLY A 192 10.87 -18.37 -9.28
C GLY A 192 10.16 -19.67 -8.93
N GLU A 193 9.73 -19.77 -7.67
CA GLU A 193 9.00 -20.95 -7.18
C GLU A 193 7.57 -20.64 -6.73
N MSE A 194 6.66 -21.59 -6.93
CA MSE A 194 5.32 -21.47 -6.38
CA MSE A 194 5.32 -21.47 -6.39
C MSE A 194 5.37 -21.74 -4.89
O MSE A 194 6.06 -22.67 -4.44
CB MSE A 194 4.37 -22.45 -7.07
CB MSE A 194 4.35 -22.44 -7.07
CG MSE A 194 3.94 -21.99 -8.45
CG MSE A 194 2.94 -22.38 -6.50
SE MSE A 194 2.93 -20.30 -8.36
SE MSE A 194 1.65 -23.54 -7.41
CE MSE A 194 1.52 -20.88 -7.22
CE MSE A 194 1.47 -22.51 -9.05
H MSE A 194 6.80 -22.30 -7.39
H MSE A 194 6.80 -22.30 -7.39
HA MSE A 194 4.99 -20.55 -6.53
HA MSE A 194 4.98 -20.56 -6.54
HB2 MSE A 194 4.80 -23.30 -7.16
HB2 MSE A 194 4.30 -22.23 -8.01
HB3 MSE A 194 3.56 -22.53 -6.52
HB3 MSE A 194 4.68 -23.34 -6.94
HG2 MSE A 194 4.72 -21.84 -9.00
HG2 MSE A 194 2.95 -22.64 -5.56
HG3 MSE A 194 3.37 -22.67 -8.85
HG3 MSE A 194 2.61 -21.46 -6.58
HE1 MSE A 194 1.06 -21.61 -7.63
HE1 MSE A 194 2.33 -22.44 -9.47
HE2 MSE A 194 1.90 -21.17 -6.38
HE2 MSE A 194 0.84 -22.95 -9.63
HE3 MSE A 194 0.93 -20.15 -7.08
HE3 MSE A 194 1.14 -21.63 -8.83
N PRO A 195 4.66 -20.93 -4.11
CA PRO A 195 4.62 -21.17 -2.67
C PRO A 195 4.05 -22.55 -2.39
N SER A 196 4.58 -23.22 -1.38
CA SER A 196 4.08 -24.53 -1.00
C SER A 196 2.79 -24.39 -0.19
N GLU A 197 1.71 -24.94 -0.69
CA GLU A 197 0.42 -24.82 -0.01
C GLU A 197 0.49 -25.41 1.38
N VAL A 198 1.12 -26.55 1.50
N VAL A 198 1.17 -26.54 1.52
CA VAL A 198 1.17 -27.23 2.75
CA VAL A 198 1.32 -27.17 2.82
C VAL A 198 2.06 -26.43 3.70
C VAL A 198 1.71 -26.13 3.89
N ALA A 199 3.21 -25.98 3.19
N ALA A 199 2.59 -25.20 3.55
CA ALA A 199 4.10 -25.15 4.02
CA ALA A 199 3.03 -24.16 4.50
C ALA A 199 3.40 -23.89 4.51
C ALA A 199 2.01 -23.03 4.64
N VAL A 200 2.78 -23.17 3.57
N VAL A 200 1.36 -22.70 3.55
CA VAL A 200 2.12 -21.92 3.90
CA VAL A 200 0.33 -21.68 3.56
C VAL A 200 0.92 -22.19 4.82
C VAL A 200 -0.76 -22.04 4.58
N ASN A 201 0.29 -23.36 4.67
N ASN A 201 -1.10 -23.32 4.67
CA ASN A 201 -0.86 -23.65 5.51
CA ASN A 201 -2.13 -23.74 5.59
C ASN A 201 -0.55 -23.66 7.01
C ASN A 201 -1.74 -23.57 7.05
N MSE A 202 0.70 -23.93 7.37
N MSE A 202 -0.48 -23.84 7.39
CA MSE A 202 1.06 -23.88 8.80
CA MSE A 202 -0.04 -23.63 8.76
C MSE A 202 0.98 -22.44 9.31
C MSE A 202 -0.27 -22.20 9.20
O MSE A 202 0.55 -22.18 10.45
O MSE A 202 -0.78 -21.97 10.31
CB MSE A 202 2.47 -24.43 9.03
CB MSE A 202 1.43 -23.95 8.93
CG MSE A 202 2.64 -25.90 8.67
CG MSE A 202 2.03 -23.37 10.21
SE MSE A 202 4.38 -26.57 9.20
SE MSE A 202 3.91 -23.68 10.25
CE MSE A 202 4.50 -28.09 8.00
CE MSE A 202 3.96 -25.41 9.32
H MSE A 202 1.35 -24.14 6.85
HA MSE A 202 0.44 -24.45 9.30
HA MSE A 202 -0.55 -24.23 9.34
HB2 MSE A 202 3.09 -23.93 8.48
HB2 MSE A 202 1.55 -24.91 8.97
HB3 MSE A 202 2.69 -24.33 9.96
HB3 MSE A 202 1.93 -23.58 8.18
HG2 MSE A 202 1.96 -26.41 9.13
HG2 MSE A 202 1.87 -22.40 10.23
HG3 MSE A 202 2.55 -26.00 7.71
HG3 MSE A 202 1.62 -23.79 10.98
HE1 MSE A 202 3.77 -28.69 8.18
HE1 MSE A 202 3.44 -26.05 9.82
HE2 MSE A 202 4.46 -27.77 7.09
HE2 MSE A 202 3.60 -25.30 8.43
HE3 MSE A 202 5.34 -28.54 8.15
HE3 MSE A 202 4.87 -25.70 9.26
N ILE A 203 1.46 -21.49 8.55
N ILE A 203 0.12 -21.23 8.38
CA ILE A 203 1.32 -20.08 8.91
CA ILE A 203 -0.06 -19.83 8.76
C ILE A 203 -0.15 -19.66 8.95
C ILE A 203 -1.55 -19.52 8.91
N LEU A 204 -0.92 -20.09 7.96
N LEU A 204 -2.38 -20.05 8.00
CA LEU A 204 -2.32 -19.71 7.86
CA LEU A 204 -3.83 -19.93 8.14
C LEU A 204 -3.11 -20.23 9.06
C LEU A 204 -4.28 -20.78 9.30
N ASN A 205 -2.80 -21.43 9.54
N ASN A 205 -3.36 -21.58 9.82
CA ASN A 205 -3.62 -22.08 10.58
CA ASN A 205 -3.68 -22.46 10.91
C ASN A 205 -3.21 -21.80 12.03
C ASN A 205 -3.09 -21.98 12.21
N ALA A 206 -2.10 -21.10 12.18
CA ALA A 206 -1.53 -20.73 13.48
C ALA A 206 -2.52 -19.87 14.23
N GLU A 207 -2.59 -20.06 15.54
CA GLU A 207 -3.34 -19.12 16.37
C GLU A 207 -2.71 -17.75 16.26
N GLU A 208 -3.49 -16.71 16.57
CA GLU A 208 -3.01 -15.37 16.43
C GLU A 208 -2.42 -14.97 17.75
N VAL A 209 -1.26 -14.31 17.69
CA VAL A 209 -0.60 -13.86 18.90
C VAL A 209 -1.36 -12.69 19.48
#